data_6TON
#
_entry.id   6TON
#
_cell.length_a   67.503
_cell.length_b   67.503
_cell.length_c   170.053
_cell.angle_alpha   90.000
_cell.angle_beta   90.000
_cell.angle_gamma   120.000
#
_symmetry.space_group_name_H-M   'P 61 2 2'
#
loop_
_entity.id
_entity.type
_entity.pdbx_description
1 polymer 'B-cell lymphoma 6 protein'
2 polymer ALA-TRP-VAL-ILE-PRO-ALA
3 non-polymer 5-[[5-chloranyl-2-(2,2,6,6-tetramethylmorpholin-4-yl)pyrimidin-4-yl]amino]-1-methyl-3-(3-methyl-3-oxidanyl-butyl)benzimidazol-2-one
4 non-polymer 1,2-ETHANEDIOL
5 water water
#
loop_
_entity_poly.entity_id
_entity_poly.type
_entity_poly.pdbx_seq_one_letter_code
_entity_poly.pdbx_strand_id
1 'polypeptide(L)'
;GPGADSCIQFTRHASDVLLNLNRLRSRDILTDVVIVVSREQFRAHKTVLMACSGLFYSIFTDQLKCNLSVINLDPEINPE
GFCILLDFMYTSRLNLREGNIMAVMATAMYLQMEHVVDTCRKFIKASE
;
A
2 'polypeptide(L)' AWVIPA B
#
# COMPACT_ATOMS: atom_id res chain seq x y z
N ALA A 4 25.77 8.51 11.40
CA ALA A 4 26.70 8.50 12.51
C ALA A 4 26.32 7.47 13.55
N ASP A 5 27.31 6.92 14.23
CA ASP A 5 27.11 5.91 15.26
C ASP A 5 26.32 6.40 16.47
N SER A 6 26.57 7.63 16.87
CA SER A 6 25.94 8.22 18.04
C SER A 6 24.54 8.82 17.85
N CYS A 7 23.54 7.98 17.63
CA CYS A 7 22.20 8.47 17.40
C CYS A 7 21.23 7.87 18.37
N ILE A 8 20.14 8.57 18.61
CA ILE A 8 19.05 8.08 19.43
C ILE A 8 17.88 7.84 18.48
N GLN A 9 16.97 6.96 18.84
CA GLN A 9 15.86 6.64 17.95
C GLN A 9 14.52 6.76 18.60
N PHE A 10 13.56 7.48 17.97
N PHE A 10 13.56 7.39 17.92
CA PHE A 10 12.20 7.60 18.50
CA PHE A 10 12.19 7.55 18.41
C PHE A 10 11.39 6.44 17.94
C PHE A 10 11.41 6.39 17.89
N THR A 11 11.09 5.46 18.80
CA THR A 11 10.39 4.20 18.50
C THR A 11 9.08 4.34 17.64
N ARG A 12 8.22 5.32 17.96
CA ARG A 12 6.92 5.50 17.32
C ARG A 12 6.94 6.43 16.10
N HIS A 13 8.10 6.95 15.73
CA HIS A 13 8.21 7.92 14.63
C HIS A 13 7.67 7.42 13.29
N ALA A 14 8.13 6.25 12.79
CA ALA A 14 7.69 5.70 11.50
C ALA A 14 6.16 5.55 11.43
N SER A 15 5.50 5.07 12.51
CA SER A 15 4.06 4.88 12.63
C SER A 15 3.31 6.18 12.67
N ASP A 16 3.90 7.19 13.32
CA ASP A 16 3.31 8.53 13.42
C ASP A 16 3.30 9.20 12.07
N VAL A 17 4.37 9.02 11.30
CA VAL A 17 4.52 9.56 9.96
C VAL A 17 3.47 8.94 9.04
N LEU A 18 3.34 7.62 9.07
CA LEU A 18 2.36 6.90 8.28
C LEU A 18 0.95 7.34 8.63
N LEU A 19 0.65 7.54 9.91
CA LEU A 19 -0.65 8.03 10.33
C LEU A 19 -0.95 9.40 9.71
N ASN A 20 0.01 10.32 9.75
CA ASN A 20 -0.12 11.65 9.19
C ASN A 20 -0.24 11.63 7.65
N LEU A 21 0.46 10.71 6.96
CA LEU A 21 0.31 10.53 5.51
C LEU A 21 -1.13 10.03 5.19
N ASN A 22 -1.65 9.10 6.00
CA ASN A 22 -3.00 8.60 5.85
C ASN A 22 -4.08 9.67 6.06
N ARG A 23 -3.82 10.62 6.98
CA ARG A 23 -4.69 11.76 7.25
C ARG A 23 -4.70 12.69 6.04
N LEU A 24 -3.53 12.86 5.39
CA LEU A 24 -3.39 13.68 4.19
C LEU A 24 -4.19 13.03 3.07
N ARG A 25 -4.09 11.71 2.95
CA ARG A 25 -4.84 10.97 1.95
C ARG A 25 -6.36 11.18 2.14
N SER A 26 -6.88 10.98 3.38
CA SER A 26 -8.31 11.16 3.69
C SER A 26 -8.80 12.56 3.43
N ARG A 27 -7.94 13.58 3.62
CA ARG A 27 -8.31 14.98 3.36
C ARG A 27 -7.98 15.37 1.91
N ASP A 28 -7.35 14.45 1.16
CA ASP A 28 -6.94 14.58 -0.24
C ASP A 28 -5.93 15.74 -0.42
N ILE A 29 -4.94 15.81 0.49
CA ILE A 29 -3.88 16.82 0.47
C ILE A 29 -2.63 16.19 -0.15
N LEU A 30 -2.10 16.87 -1.16
CA LEU A 30 -0.90 16.56 -1.94
C LEU A 30 -0.96 15.21 -2.68
N THR A 31 -2.16 14.62 -2.84
CA THR A 31 -2.34 13.38 -3.60
C THR A 31 -2.03 13.73 -5.05
N ASP A 32 -1.25 12.89 -5.72
CA ASP A 32 -0.79 13.22 -7.06
C ASP A 32 -1.06 12.13 -8.10
N VAL A 33 -2.02 11.24 -7.82
CA VAL A 33 -2.39 10.20 -8.79
C VAL A 33 -3.76 9.64 -8.45
N VAL A 34 -4.48 9.20 -9.46
CA VAL A 34 -5.76 8.55 -9.35
C VAL A 34 -5.54 7.16 -9.92
N ILE A 35 -5.79 6.13 -9.13
CA ILE A 35 -5.67 4.75 -9.61
C ILE A 35 -7.06 4.32 -10.01
N VAL A 36 -7.24 3.96 -11.29
CA VAL A 36 -8.52 3.51 -11.82
C VAL A 36 -8.56 1.97 -11.85
N VAL A 37 -9.53 1.40 -11.11
CA VAL A 37 -9.78 -0.04 -10.97
C VAL A 37 -11.23 -0.24 -11.38
N SER A 38 -11.42 -0.88 -12.55
CA SER A 38 -12.71 -1.05 -13.23
C SER A 38 -13.30 0.37 -13.35
N ARG A 39 -14.48 0.63 -12.78
CA ARG A 39 -15.04 1.98 -12.85
C ARG A 39 -14.59 2.89 -11.67
N GLU A 40 -14.23 2.28 -10.50
CA GLU A 40 -13.85 2.94 -9.25
C GLU A 40 -12.51 3.69 -9.27
N GLN A 41 -12.46 4.86 -8.60
CA GLN A 41 -11.28 5.73 -8.55
C GLN A 41 -10.67 5.86 -7.14
N PHE A 42 -9.32 5.83 -7.04
CA PHE A 42 -8.60 5.93 -5.77
C PHE A 42 -7.48 6.94 -5.84
N ARG A 43 -7.60 8.04 -5.10
CA ARG A 43 -6.56 9.05 -5.03
C ARG A 43 -5.52 8.62 -4.00
N ALA A 44 -4.24 8.83 -4.31
CA ALA A 44 -3.13 8.42 -3.45
C ALA A 44 -1.89 9.28 -3.70
N HIS A 45 -0.83 9.03 -2.93
CA HIS A 45 0.47 9.66 -3.12
C HIS A 45 1.37 8.63 -3.83
N LYS A 46 1.98 9.02 -4.95
CA LYS A 46 2.90 8.18 -5.73
C LYS A 46 4.00 7.58 -4.83
N THR A 47 4.59 8.39 -3.91
CA THR A 47 5.67 7.95 -2.99
C THR A 47 5.29 6.75 -2.13
N VAL A 48 4.11 6.79 -1.50
CA VAL A 48 3.55 5.73 -0.68
C VAL A 48 3.28 4.51 -1.53
N LEU A 49 2.70 4.70 -2.74
CA LEU A 49 2.43 3.58 -3.66
C LEU A 49 3.70 2.86 -4.03
N MET A 50 4.77 3.62 -4.36
CA MET A 50 6.08 3.11 -4.69
C MET A 50 6.70 2.34 -3.52
N ALA A 51 6.62 2.91 -2.30
CA ALA A 51 7.18 2.33 -1.08
C ALA A 51 6.58 0.98 -0.69
N CYS A 52 5.30 0.71 -1.11
CA CYS A 52 4.57 -0.51 -0.74
C CYS A 52 4.35 -1.51 -1.82
N SER A 53 4.61 -1.16 -3.06
CA SER A 53 4.29 -2.05 -4.15
C SER A 53 5.39 -2.12 -5.18
N GLY A 54 5.73 -3.34 -5.56
CA GLY A 54 6.75 -3.61 -6.58
C GLY A 54 6.33 -3.09 -7.93
N LEU A 55 5.01 -3.17 -8.24
CA LEU A 55 4.41 -2.68 -9.47
C LEU A 55 4.47 -1.14 -9.57
N PHE A 56 4.02 -0.40 -8.54
CA PHE A 56 4.09 1.07 -8.56
C PHE A 56 5.50 1.56 -8.46
N TYR A 57 6.43 0.78 -7.87
CA TYR A 57 7.82 1.21 -7.83
C TYR A 57 8.32 1.24 -9.26
N SER A 58 8.00 0.21 -10.03
CA SER A 58 8.41 0.05 -11.41
C SER A 58 7.80 1.09 -12.35
N ILE A 59 6.49 1.41 -12.16
CA ILE A 59 5.74 2.36 -12.98
C ILE A 59 6.31 3.77 -12.80
N PHE A 60 6.50 4.18 -11.55
CA PHE A 60 6.92 5.53 -11.19
C PHE A 60 8.44 5.76 -11.22
N THR A 61 9.25 4.71 -11.51
CA THR A 61 10.71 4.87 -11.67
C THR A 61 10.93 5.12 -13.12
N ASP A 62 9.89 4.88 -13.89
CA ASP A 62 9.88 5.10 -15.32
C ASP A 62 9.65 6.58 -15.56
N GLN A 63 10.63 7.18 -16.19
CA GLN A 63 10.68 8.61 -16.56
C GLN A 63 9.33 9.14 -17.09
N LEU A 64 8.73 8.40 -18.05
CA LEU A 64 7.45 8.68 -18.69
C LEU A 64 6.19 8.58 -17.81
N LYS A 65 5.88 7.37 -17.31
CA LYS A 65 4.65 7.05 -16.56
C LYS A 65 4.55 7.82 -15.25
N CYS A 66 5.70 8.25 -14.73
CA CYS A 66 5.71 9.01 -13.51
C CYS A 66 5.05 10.39 -13.64
N ASN A 67 5.06 11.00 -14.83
CA ASN A 67 4.42 12.31 -14.96
C ASN A 67 2.90 12.21 -15.17
N LEU A 68 2.32 10.99 -15.13
CA LEU A 68 0.88 10.80 -15.34
C LEU A 68 0.12 11.01 -14.05
N SER A 69 -1.05 11.63 -14.15
CA SER A 69 -1.92 11.83 -13.01
C SER A 69 -2.97 10.70 -12.89
N VAL A 70 -3.12 9.86 -13.95
CA VAL A 70 -4.07 8.74 -13.96
C VAL A 70 -3.35 7.43 -14.32
N ILE A 71 -3.62 6.35 -13.58
CA ILE A 71 -3.07 5.03 -13.85
C ILE A 71 -4.25 4.04 -13.85
N ASN A 72 -4.45 3.32 -14.97
CA ASN A 72 -5.53 2.33 -15.09
C ASN A 72 -4.94 0.95 -14.91
N LEU A 73 -5.52 0.17 -14.00
CA LEU A 73 -5.02 -1.17 -13.70
C LEU A 73 -5.78 -2.18 -14.52
N ASP A 74 -5.15 -3.36 -14.69
CA ASP A 74 -5.70 -4.50 -15.40
C ASP A 74 -7.21 -4.68 -15.07
N PRO A 75 -8.07 -4.86 -16.10
CA PRO A 75 -9.53 -4.98 -15.85
C PRO A 75 -10.00 -6.11 -14.94
N GLU A 76 -9.16 -7.17 -14.79
CA GLU A 76 -9.43 -8.34 -13.94
C GLU A 76 -9.18 -8.04 -12.44
N ILE A 77 -8.73 -6.80 -12.11
CA ILE A 77 -8.43 -6.42 -10.71
C ILE A 77 -9.71 -6.00 -9.99
N ASN A 78 -10.04 -6.70 -8.90
CA ASN A 78 -11.20 -6.41 -8.06
C ASN A 78 -11.00 -5.08 -7.30
N PRO A 79 -11.95 -4.10 -7.41
CA PRO A 79 -11.79 -2.81 -6.71
C PRO A 79 -11.72 -2.91 -5.18
N GLU A 80 -12.56 -3.76 -4.56
CA GLU A 80 -12.59 -4.01 -3.12
C GLU A 80 -11.19 -4.54 -2.64
N GLY A 81 -10.62 -5.48 -3.40
CA GLY A 81 -9.28 -6.02 -3.17
C GLY A 81 -8.21 -4.96 -3.18
N PHE A 82 -8.30 -3.97 -4.11
CA PHE A 82 -7.33 -2.87 -4.21
C PHE A 82 -7.51 -1.89 -3.04
N CYS A 83 -8.76 -1.58 -2.68
CA CYS A 83 -9.15 -0.70 -1.58
C CYS A 83 -8.60 -1.24 -0.24
N ILE A 84 -8.67 -2.56 -0.04
CA ILE A 84 -8.13 -3.22 1.13
C ILE A 84 -6.63 -3.05 1.17
N LEU A 85 -5.95 -3.32 0.06
CA LEU A 85 -4.50 -3.18 -0.02
C LEU A 85 -4.02 -1.73 0.09
N LEU A 86 -4.80 -0.78 -0.45
CA LEU A 86 -4.46 0.64 -0.37
C LEU A 86 -4.57 1.11 1.09
N ASP A 87 -5.60 0.64 1.83
CA ASP A 87 -5.77 0.90 3.26
C ASP A 87 -4.61 0.30 4.05
N PHE A 88 -4.16 -0.91 3.70
CA PHE A 88 -2.98 -1.53 4.32
C PHE A 88 -1.73 -0.66 4.12
N MET A 89 -1.51 -0.15 2.90
CA MET A 89 -0.32 0.65 2.59
C MET A 89 -0.18 1.79 3.55
N TYR A 90 -1.27 2.49 3.83
CA TYR A 90 -1.27 3.63 4.70
C TYR A 90 -1.48 3.41 6.19
N THR A 91 -1.85 2.21 6.61
CA THR A 91 -2.11 1.95 8.01
C THR A 91 -1.42 0.79 8.72
N SER A 92 -0.87 -0.14 7.92
CA SER A 92 -0.25 -1.43 8.31
C SER A 92 -1.27 -2.51 8.68
N ARG A 93 -2.55 -2.23 8.46
N ARG A 93 -2.54 -2.22 8.48
CA ARG A 93 -3.57 -3.18 8.85
CA ARG A 93 -3.61 -3.10 8.87
C ARG A 93 -4.25 -3.70 7.64
C ARG A 93 -4.25 -3.68 7.61
N LEU A 94 -4.29 -5.03 7.55
CA LEU A 94 -4.88 -5.72 6.43
C LEU A 94 -6.22 -6.37 6.79
N ASN A 95 -7.29 -5.95 6.12
CA ASN A 95 -8.62 -6.46 6.39
C ASN A 95 -8.89 -7.74 5.66
N LEU A 96 -8.35 -8.83 6.18
CA LEU A 96 -8.47 -10.12 5.58
C LEU A 96 -9.69 -10.89 6.09
N ARG A 97 -10.59 -11.19 5.17
CA ARG A 97 -11.80 -11.99 5.47
C ARG A 97 -11.90 -13.19 4.51
N GLU A 98 -12.70 -14.22 4.89
CA GLU A 98 -12.92 -15.44 4.10
C GLU A 98 -13.43 -15.10 2.72
N GLY A 99 -14.31 -14.10 2.65
CA GLY A 99 -14.92 -13.63 1.40
C GLY A 99 -14.08 -12.68 0.56
N ASN A 100 -12.90 -12.27 1.05
CA ASN A 100 -12.07 -11.35 0.26
C ASN A 100 -10.62 -11.83 0.01
N ILE A 101 -10.16 -12.90 0.71
CA ILE A 101 -8.79 -13.43 0.67
C ILE A 101 -8.32 -13.81 -0.75
N MET A 102 -9.21 -14.37 -1.59
CA MET A 102 -8.83 -14.74 -2.94
C MET A 102 -8.58 -13.51 -3.80
N ALA A 103 -9.48 -12.49 -3.69
CA ALA A 103 -9.37 -11.23 -4.42
C ALA A 103 -8.20 -10.39 -3.89
N VAL A 104 -7.94 -10.44 -2.58
CA VAL A 104 -6.83 -9.71 -1.97
C VAL A 104 -5.49 -10.33 -2.39
N MET A 105 -5.40 -11.68 -2.39
CA MET A 105 -4.17 -12.34 -2.83
C MET A 105 -3.86 -12.09 -4.31
N ALA A 106 -4.88 -12.22 -5.19
CA ALA A 106 -4.74 -11.98 -6.62
C ALA A 106 -4.25 -10.53 -6.85
N THR A 107 -4.84 -9.56 -6.13
CA THR A 107 -4.46 -8.13 -6.21
C THR A 107 -3.04 -7.88 -5.70
N ALA A 108 -2.63 -8.55 -4.61
CA ALA A 108 -1.29 -8.39 -4.02
C ALA A 108 -0.18 -8.96 -4.88
N MET A 109 -0.48 -10.03 -5.65
CA MET A 109 0.43 -10.68 -6.59
C MET A 109 0.67 -9.74 -7.77
N TYR A 110 -0.41 -9.13 -8.25
CA TYR A 110 -0.39 -8.15 -9.30
C TYR A 110 0.40 -6.89 -8.86
N LEU A 111 0.09 -6.35 -7.67
CA LEU A 111 0.77 -5.17 -7.14
C LEU A 111 2.20 -5.46 -6.68
N GLN A 112 2.57 -6.75 -6.66
CA GLN A 112 3.88 -7.21 -6.21
C GLN A 112 4.16 -6.74 -4.81
N MET A 113 3.29 -7.16 -3.87
CA MET A 113 3.36 -6.87 -2.43
C MET A 113 3.65 -8.23 -1.75
N GLU A 114 4.94 -8.59 -1.73
CA GLU A 114 5.50 -9.86 -1.26
C GLU A 114 4.94 -10.35 0.03
N HIS A 115 5.06 -9.56 1.13
CA HIS A 115 4.58 -9.93 2.48
C HIS A 115 3.10 -10.22 2.54
N VAL A 116 2.28 -9.47 1.79
CA VAL A 116 0.83 -9.70 1.79
C VAL A 116 0.57 -11.03 1.07
N VAL A 117 1.31 -11.30 -0.04
CA VAL A 117 1.17 -12.55 -0.78
C VAL A 117 1.46 -13.75 0.13
N ASP A 118 2.65 -13.77 0.79
CA ASP A 118 3.11 -14.80 1.73
C ASP A 118 2.07 -15.07 2.84
N THR A 119 1.48 -14.00 3.38
CA THR A 119 0.51 -14.09 4.46
C THR A 119 -0.78 -14.71 3.99
N CYS A 120 -1.25 -14.29 2.81
CA CYS A 120 -2.47 -14.83 2.22
C CYS A 120 -2.30 -16.36 1.98
N ARG A 121 -1.10 -16.79 1.50
CA ARG A 121 -0.72 -18.20 1.25
C ARG A 121 -0.89 -19.04 2.53
N LYS A 122 -0.31 -18.58 3.64
CA LYS A 122 -0.35 -19.24 4.95
C LYS A 122 -1.77 -19.35 5.50
N PHE A 123 -2.60 -18.33 5.26
CA PHE A 123 -4.00 -18.29 5.69
C PHE A 123 -4.86 -19.21 4.84
N ILE A 124 -4.53 -19.36 3.52
CA ILE A 124 -5.28 -20.25 2.62
C ILE A 124 -4.94 -21.71 2.94
N LYS A 125 -3.63 -22.01 3.13
CA LYS A 125 -3.12 -23.33 3.50
C LYS A 125 -3.78 -23.85 4.80
N ALA A 126 -3.99 -22.94 5.79
CA ALA A 126 -4.64 -23.24 7.07
C ALA A 126 -6.10 -23.70 6.91
N SER A 127 -6.84 -23.14 5.93
CA SER A 127 -8.24 -23.48 5.67
C SER A 127 -8.42 -24.70 4.72
N GLU A 128 -7.33 -25.47 4.45
CA GLU A 128 -7.40 -26.65 3.58
C GLU A 128 -6.86 -27.91 4.26
CA ALA B 1 10.01 7.20 23.64
C ALA B 1 11.27 7.03 22.81
N TRP B 2 12.46 7.36 23.39
N TRP B 2 12.43 7.37 23.39
CA TRP B 2 13.77 7.29 22.71
CA TRP B 2 13.71 7.22 22.70
C TRP B 2 14.68 6.17 23.25
C TRP B 2 14.43 5.96 23.19
N VAL B 3 15.26 5.39 22.31
CA VAL B 3 16.09 4.21 22.60
C VAL B 3 17.48 4.37 21.98
N ILE B 4 18.37 3.44 22.30
CA ILE B 4 19.68 3.34 21.68
C ILE B 4 19.43 2.31 20.58
N PRO B 5 19.42 2.71 19.29
CA PRO B 5 19.14 1.75 18.21
C PRO B 5 20.19 0.64 18.01
N ALA B 6 19.73 -0.58 17.78
#